data_1PAA
#
_entry.id   1PAA
#
_cell.length_a   1.000
_cell.length_b   1.000
_cell.length_c   1.000
_cell.angle_alpha   90.00
_cell.angle_beta   90.00
_cell.angle_gamma   90.00
#
_symmetry.space_group_name_H-M   'P 1'
#
loop_
_entity.id
_entity.type
_entity.pdbx_description
1 polymer 'YEAST TRANSCRIPTION FACTOR ADR1'
2 non-polymer 'ZINC ION'
#
_entity_poly.entity_id   1
_entity_poly.type   'polypeptide(L)'
_entity_poly.pdbx_seq_one_letter_code
;KAYACGLCNRAFTRRDLLIRHAQKIHSGNL
;
_entity_poly.pdbx_strand_id   A
#
loop_
_chem_comp.id
_chem_comp.type
_chem_comp.name
_chem_comp.formula
ZN non-polymer 'ZINC ION' 'Zn 2'
#
# COMPACT_ATOMS: atom_id res chain seq x y z
N LYS A 1 11.11 -3.57 -2.13
CA LYS A 1 10.94 -4.28 -3.38
C LYS A 1 9.79 -3.63 -4.18
N ALA A 2 9.53 -4.20 -5.33
CA ALA A 2 8.47 -3.70 -6.20
C ALA A 2 7.26 -3.32 -5.33
N TYR A 3 6.78 -2.11 -5.57
CA TYR A 3 5.63 -1.60 -4.82
C TYR A 3 4.60 -2.72 -4.58
N ALA A 4 4.77 -3.40 -3.46
CA ALA A 4 3.86 -4.48 -3.10
C ALA A 4 3.59 -4.44 -1.59
N CYS A 5 2.31 -4.27 -1.26
CA CYS A 5 1.91 -4.22 0.12
C CYS A 5 2.05 -5.61 0.73
N GLY A 6 3.01 -5.73 1.64
CA GLY A 6 3.26 -7.01 2.28
C GLY A 6 2.19 -7.31 3.34
N LEU A 7 1.22 -6.41 3.42
CA LEU A 7 0.13 -6.56 4.37
C LEU A 7 -1.03 -7.30 3.70
N CYS A 8 -1.56 -6.68 2.65
CA CYS A 8 -2.67 -7.27 1.92
C CYS A 8 -2.09 -8.11 0.77
N ASN A 9 -0.81 -7.89 0.50
CA ASN A 9 -0.14 -8.62 -0.56
C ASN A 9 -0.33 -7.88 -1.89
N ARG A 10 -1.24 -6.91 -1.86
CA ARG A 10 -1.54 -6.13 -3.04
C ARG A 10 -0.27 -5.46 -3.57
N ALA A 11 -0.28 -5.18 -4.87
CA ALA A 11 0.87 -4.54 -5.50
C ALA A 11 0.37 -3.58 -6.58
N PHE A 12 0.99 -2.40 -6.60
CA PHE A 12 0.62 -1.38 -7.57
C PHE A 12 1.84 -0.93 -8.38
N THR A 13 1.56 -0.26 -9.48
CA THR A 13 2.62 0.24 -10.35
C THR A 13 3.30 1.46 -9.72
N ARG A 14 2.49 2.27 -9.04
CA ARG A 14 3.00 3.45 -8.40
C ARG A 14 3.05 3.26 -6.89
N ARG A 15 3.79 4.15 -6.23
CA ARG A 15 3.94 4.08 -4.79
C ARG A 15 2.72 4.71 -4.11
N ASP A 16 2.29 5.83 -4.65
CA ASP A 16 1.13 6.53 -4.12
C ASP A 16 0.01 5.53 -3.85
N LEU A 17 -0.20 4.65 -4.82
CA LEU A 17 -1.24 3.64 -4.70
C LEU A 17 -0.96 2.77 -3.48
N LEU A 18 0.33 2.56 -3.23
CA LEU A 18 0.74 1.75 -2.09
C LEU A 18 0.51 2.52 -0.79
N ILE A 19 0.84 3.80 -0.85
CA ILE A 19 0.68 4.67 0.30
C ILE A 19 -0.81 4.83 0.61
N ARG A 20 -1.49 5.54 -0.27
CA ARG A 20 -2.91 5.77 -0.10
C ARG A 20 -3.61 4.49 0.36
N HIS A 21 -3.05 3.37 -0.06
CA HIS A 21 -3.59 2.07 0.29
C HIS A 21 -3.48 1.85 1.80
N ALA A 22 -2.29 2.13 2.32
CA ALA A 22 -2.04 1.98 3.73
C ALA A 22 -2.88 2.98 4.52
N GLN A 23 -3.14 4.11 3.89
CA GLN A 23 -3.94 5.16 4.50
C GLN A 23 -5.42 4.96 4.17
N LYS A 24 -5.69 3.91 3.42
CA LYS A 24 -7.06 3.61 3.01
C LYS A 24 -7.49 2.29 3.66
N ILE A 25 -6.79 1.22 3.30
CA ILE A 25 -7.10 -0.10 3.83
C ILE A 25 -6.64 -0.17 5.29
N HIS A 26 -5.33 -0.21 5.46
CA HIS A 26 -4.75 -0.28 6.80
C HIS A 26 -4.73 1.12 7.42
N SER A 27 -5.52 2.01 6.83
CA SER A 27 -5.60 3.37 7.31
C SER A 27 -4.90 3.50 8.67
N GLY A 28 -3.59 3.63 8.61
CA GLY A 28 -2.79 3.75 9.82
C GLY A 28 -1.52 2.91 9.73
N ASN A 29 -0.38 3.60 9.82
CA ASN A 29 0.91 2.93 9.75
C ASN A 29 1.64 3.12 11.07
N LEU A 30 1.07 3.95 11.93
CA LEU A 30 1.67 4.24 13.22
C LEU A 30 2.04 2.91 13.90
ZN ZN B . -1.93 -3.71 2.15
N LYS A 1 12.18 -2.87 -3.24
CA LYS A 1 11.65 -3.80 -4.22
C LYS A 1 10.40 -3.20 -4.86
N ALA A 2 9.74 -4.01 -5.66
CA ALA A 2 8.53 -3.58 -6.34
C ALA A 2 7.55 -2.99 -5.33
N TYR A 3 6.56 -2.29 -5.83
CA TYR A 3 5.56 -1.68 -4.98
C TYR A 3 4.45 -2.67 -4.64
N ALA A 4 4.69 -3.45 -3.60
CA ALA A 4 3.73 -4.45 -3.16
C ALA A 4 3.49 -4.29 -1.65
N CYS A 5 2.23 -4.39 -1.27
CA CYS A 5 1.85 -4.26 0.12
C CYS A 5 2.04 -5.62 0.80
N GLY A 6 3.03 -5.68 1.68
CA GLY A 6 3.32 -6.90 2.41
C GLY A 6 2.26 -7.19 3.46
N LEU A 7 1.24 -6.33 3.48
CA LEU A 7 0.15 -6.49 4.43
C LEU A 7 -0.99 -7.28 3.78
N CYS A 8 -1.56 -6.68 2.74
CA CYS A 8 -2.65 -7.30 2.02
C CYS A 8 -2.05 -8.14 0.87
N ASN A 9 -0.81 -7.85 0.57
CA ASN A 9 -0.11 -8.57 -0.49
C ASN A 9 -0.30 -7.82 -1.81
N ARG A 10 -1.31 -6.95 -1.83
CA ARG A 10 -1.60 -6.17 -3.01
C ARG A 10 -0.34 -5.48 -3.52
N ALA A 11 -0.36 -5.13 -4.80
CA ALA A 11 0.77 -4.46 -5.43
C ALA A 11 0.26 -3.49 -6.49
N PHE A 12 0.94 -2.35 -6.57
CA PHE A 12 0.56 -1.33 -7.54
C PHE A 12 1.77 -0.91 -8.38
N THR A 13 1.48 -0.16 -9.42
CA THR A 13 2.53 0.32 -10.31
C THR A 13 3.24 1.54 -9.70
N ARG A 14 2.45 2.36 -9.03
CA ARG A 14 2.99 3.55 -8.40
C ARG A 14 3.09 3.36 -6.88
N ARG A 15 3.89 4.19 -6.25
CA ARG A 15 4.08 4.12 -4.82
C ARG A 15 2.88 4.73 -4.09
N ASP A 16 2.45 5.88 -4.60
CA ASP A 16 1.31 6.56 -4.02
C ASP A 16 0.16 5.58 -3.80
N LEU A 17 -0.03 4.73 -4.81
CA LEU A 17 -1.09 3.74 -4.75
C LEU A 17 -0.83 2.80 -3.56
N LEU A 18 0.43 2.56 -3.30
CA LEU A 18 0.83 1.69 -2.20
C LEU A 18 0.60 2.42 -0.88
N ILE A 19 0.91 3.71 -0.88
CA ILE A 19 0.74 4.52 0.31
C ILE A 19 -0.75 4.68 0.60
N ARG A 20 -1.41 5.46 -0.25
CA ARG A 20 -2.83 5.71 -0.09
C ARG A 20 -3.54 4.43 0.38
N HIS A 21 -3.06 3.30 -0.13
CA HIS A 21 -3.63 2.02 0.23
C HIS A 21 -3.53 1.82 1.74
N ALA A 22 -2.32 2.00 2.25
CA ALA A 22 -2.07 1.83 3.67
C ALA A 22 -2.94 2.83 4.45
N GLN A 23 -3.14 3.99 3.84
CA GLN A 23 -3.95 5.03 4.47
C GLN A 23 -5.43 4.82 4.15
N LYS A 24 -5.68 3.84 3.29
CA LYS A 24 -7.05 3.53 2.90
C LYS A 24 -7.49 2.24 3.60
N ILE A 25 -6.85 1.15 3.21
CA ILE A 25 -7.17 -0.15 3.79
C ILE A 25 -6.71 -0.17 5.25
N HIS A 26 -5.40 -0.21 5.43
CA HIS A 26 -4.82 -0.24 6.76
C HIS A 26 -4.81 1.18 7.34
N SER A 27 -5.61 2.04 6.73
CA SER A 27 -5.69 3.42 7.18
C SER A 27 -4.94 3.59 8.51
N GLY A 28 -3.62 3.69 8.40
CA GLY A 28 -2.80 3.86 9.58
C GLY A 28 -1.31 3.72 9.23
N ASN A 29 -0.62 4.84 9.29
CA ASN A 29 0.80 4.86 8.98
C ASN A 29 1.55 5.69 10.03
N LEU A 30 2.60 5.10 10.57
CA LEU A 30 3.40 5.77 11.59
C LEU A 30 4.88 5.53 11.30
ZN ZN B . -1.96 -3.73 2.17
N LYS A 1 12.11 -4.62 -4.85
CA LYS A 1 11.78 -3.31 -4.32
C LYS A 1 10.44 -2.85 -4.90
N ALA A 2 9.87 -3.71 -5.73
CA ALA A 2 8.59 -3.40 -6.36
C ALA A 2 7.64 -2.81 -5.32
N TYR A 3 6.55 -2.23 -5.81
CA TYR A 3 5.56 -1.63 -4.93
C TYR A 3 4.46 -2.64 -4.59
N ALA A 4 4.73 -3.44 -3.57
CA ALA A 4 3.77 -4.45 -3.14
C ALA A 4 3.51 -4.29 -1.64
N CYS A 5 2.24 -4.36 -1.28
CA CYS A 5 1.86 -4.23 0.11
C CYS A 5 2.02 -5.59 0.79
N GLY A 6 3.03 -5.67 1.64
CA GLY A 6 3.31 -6.91 2.36
C GLY A 6 2.24 -7.18 3.42
N LEU A 7 1.25 -6.30 3.45
CA LEU A 7 0.16 -6.42 4.41
C LEU A 7 -0.98 -7.21 3.77
N CYS A 8 -1.55 -6.63 2.72
CA CYS A 8 -2.65 -7.26 2.01
C CYS A 8 -2.07 -8.10 0.88
N ASN A 9 -0.81 -7.83 0.57
CA ASN A 9 -0.13 -8.55 -0.49
C ASN A 9 -0.32 -7.81 -1.82
N ARG A 10 -1.31 -6.93 -1.83
CA ARG A 10 -1.61 -6.15 -3.02
C ARG A 10 -0.35 -5.47 -3.54
N ALA A 11 -0.35 -5.18 -4.83
CA ALA A 11 0.79 -4.54 -5.46
C ALA A 11 0.28 -3.55 -6.52
N PHE A 12 0.91 -2.39 -6.55
CA PHE A 12 0.55 -1.36 -7.51
C PHE A 12 1.75 -0.93 -8.35
N THR A 13 1.46 -0.18 -9.40
CA THR A 13 2.50 0.30 -10.29
C THR A 13 3.22 1.50 -9.68
N ARG A 14 2.45 2.33 -9.01
CA ARG A 14 3.00 3.53 -8.37
C ARG A 14 3.06 3.33 -6.85
N ARG A 15 3.86 4.17 -6.21
CA ARG A 15 4.03 4.11 -4.77
C ARG A 15 2.81 4.71 -4.08
N ASP A 16 2.39 5.86 -4.59
CA ASP A 16 1.24 6.57 -4.02
C ASP A 16 0.11 5.56 -3.78
N LEU A 17 -0.10 4.72 -4.79
CA LEU A 17 -1.16 3.72 -4.70
C LEU A 17 -0.88 2.79 -3.51
N LEU A 18 0.41 2.56 -3.28
CA LEU A 18 0.82 1.70 -2.18
C LEU A 18 0.61 2.44 -0.86
N ILE A 19 0.95 3.72 -0.88
CA ILE A 19 0.81 4.55 0.31
C ILE A 19 -0.68 4.73 0.63
N ARG A 20 -1.35 5.46 -0.24
CA ARG A 20 -2.77 5.72 -0.07
C ARG A 20 -3.49 4.45 0.38
N HIS A 21 -3.02 3.32 -0.13
CA HIS A 21 -3.60 2.03 0.20
C HIS A 21 -3.50 1.81 1.72
N ALA A 22 -2.29 2.01 2.23
CA ALA A 22 -2.04 1.84 3.65
C ALA A 22 -2.92 2.79 4.44
N GLN A 23 -3.13 3.97 3.87
CA GLN A 23 -3.95 4.98 4.51
C GLN A 23 -5.43 4.75 4.18
N LYS A 24 -5.66 3.84 3.25
CA LYS A 24 -7.01 3.53 2.83
C LYS A 24 -7.47 2.24 3.52
N ILE A 25 -6.81 1.14 3.16
CA ILE A 25 -7.14 -0.14 3.74
C ILE A 25 -6.69 -0.17 5.20
N HIS A 26 -5.38 -0.22 5.39
CA HIS A 26 -4.82 -0.25 6.73
C HIS A 26 -4.81 1.17 7.32
N SER A 27 -5.61 2.03 6.70
CA SER A 27 -5.70 3.41 7.15
C SER A 27 -4.96 3.58 8.48
N GLY A 28 -3.64 3.52 8.39
CA GLY A 28 -2.80 3.67 9.57
C GLY A 28 -1.33 3.42 9.23
N ASN A 29 -0.56 4.51 9.28
CA ASN A 29 0.86 4.42 8.97
C ASN A 29 1.66 5.01 10.15
N LEU A 30 0.93 5.63 11.07
CA LEU A 30 1.55 6.22 12.22
C LEU A 30 0.74 5.89 13.48
ZN ZN B . -1.94 -3.70 2.14
N LYS A 1 11.39 -6.15 -4.32
CA LYS A 1 11.60 -4.72 -4.34
C LYS A 1 10.65 -4.06 -5.33
N ALA A 2 9.38 -4.41 -5.20
CA ALA A 2 8.36 -3.87 -6.09
C ALA A 2 7.14 -3.43 -5.27
N TYR A 3 6.75 -2.19 -5.47
CA TYR A 3 5.62 -1.64 -4.75
C TYR A 3 4.53 -2.69 -4.54
N ALA A 4 4.66 -3.41 -3.43
CA ALA A 4 3.70 -4.45 -3.10
C ALA A 4 3.44 -4.44 -1.60
N CYS A 5 2.21 -4.09 -1.24
CA CYS A 5 1.82 -4.03 0.16
C CYS A 5 2.04 -5.42 0.77
N GLY A 6 3.02 -5.49 1.66
CA GLY A 6 3.33 -6.75 2.32
C GLY A 6 2.26 -7.10 3.36
N LEU A 7 1.25 -6.25 3.44
CA LEU A 7 0.16 -6.46 4.38
C LEU A 7 -0.95 -7.26 3.70
N CYS A 8 -1.53 -6.64 2.67
CA CYS A 8 -2.61 -7.27 1.93
C CYS A 8 -1.99 -8.07 0.79
N ASN A 9 -0.72 -7.79 0.52
CA ASN A 9 -0.01 -8.47 -0.55
C ASN A 9 -0.24 -7.73 -1.86
N ARG A 10 -1.21 -6.83 -1.84
CA ARG A 10 -1.54 -6.05 -3.02
C ARG A 10 -0.28 -5.39 -3.58
N ALA A 11 -0.33 -5.11 -4.88
CA ALA A 11 0.79 -4.47 -5.54
C ALA A 11 0.26 -3.49 -6.59
N PHE A 12 0.87 -2.31 -6.62
CA PHE A 12 0.47 -1.29 -7.56
C PHE A 12 1.66 -0.86 -8.43
N THR A 13 1.32 -0.35 -9.62
CA THR A 13 2.34 0.10 -10.55
C THR A 13 3.05 1.35 -10.02
N ARG A 14 2.39 2.00 -9.08
CA ARG A 14 2.92 3.21 -8.48
C ARG A 14 3.14 3.02 -6.98
N ARG A 15 3.88 3.94 -6.40
CA ARG A 15 4.17 3.88 -4.97
C ARG A 15 3.10 4.64 -4.19
N ASP A 16 2.54 5.65 -4.84
CA ASP A 16 1.50 6.46 -4.20
C ASP A 16 0.32 5.56 -3.83
N LEU A 17 -0.04 4.70 -4.75
CA LEU A 17 -1.15 3.78 -4.53
C LEU A 17 -0.82 2.87 -3.34
N LEU A 18 0.47 2.59 -3.19
CA LEU A 18 0.92 1.74 -2.10
C LEU A 18 0.73 2.47 -0.77
N ILE A 19 0.96 3.77 -0.81
CA ILE A 19 0.81 4.59 0.39
C ILE A 19 -0.67 4.75 0.71
N ARG A 20 -1.34 5.56 -0.11
CA ARG A 20 -2.76 5.81 0.07
C ARG A 20 -3.47 4.53 0.51
N HIS A 21 -3.01 3.41 -0.04
CA HIS A 21 -3.59 2.12 0.28
C HIS A 21 -3.51 1.89 1.79
N ALA A 22 -2.35 2.17 2.35
CA ALA A 22 -2.14 2.00 3.78
C ALA A 22 -3.10 2.91 4.55
N GLN A 23 -3.31 4.10 3.99
CA GLN A 23 -4.20 5.07 4.61
C GLN A 23 -5.65 4.80 4.18
N LYS A 24 -5.82 3.75 3.39
CA LYS A 24 -7.14 3.38 2.91
C LYS A 24 -7.60 2.11 3.63
N ILE A 25 -6.97 1.00 3.27
CA ILE A 25 -7.31 -0.28 3.86
C ILE A 25 -6.84 -0.29 5.32
N HIS A 26 -5.54 -0.29 5.49
CA HIS A 26 -4.95 -0.31 6.82
C HIS A 26 -4.93 1.12 7.38
N SER A 27 -5.83 1.93 6.88
CA SER A 27 -5.93 3.32 7.32
C SER A 27 -5.90 3.38 8.84
N GLY A 28 -6.09 4.58 9.36
CA GLY A 28 -6.09 4.79 10.80
C GLY A 28 -4.81 5.50 11.25
N ASN A 29 -3.93 4.73 11.86
CA ASN A 29 -2.68 5.26 12.34
C ASN A 29 -1.52 4.55 11.64
N LEU A 30 -1.78 3.31 11.24
CA LEU A 30 -0.77 2.52 10.56
C LEU A 30 -0.57 3.07 9.14
ZN ZN B . -1.96 -3.65 2.15
N LYS A 1 11.78 -5.63 -4.89
CA LYS A 1 11.30 -4.50 -4.10
C LYS A 1 10.24 -3.74 -4.89
N ALA A 2 9.35 -4.50 -5.51
CA ALA A 2 8.29 -3.90 -6.31
C ALA A 2 7.15 -3.46 -5.39
N TYR A 3 6.62 -2.29 -5.68
CA TYR A 3 5.53 -1.74 -4.89
C TYR A 3 4.46 -2.81 -4.60
N ALA A 4 4.68 -3.53 -3.52
CA ALA A 4 3.76 -4.58 -3.13
C ALA A 4 3.51 -4.50 -1.62
N CYS A 5 2.25 -4.28 -1.27
CA CYS A 5 1.87 -4.18 0.12
C CYS A 5 2.07 -5.55 0.78
N GLY A 6 3.02 -5.60 1.70
CA GLY A 6 3.32 -6.83 2.41
C GLY A 6 2.25 -7.14 3.45
N LEU A 7 1.23 -6.29 3.48
CA LEU A 7 0.15 -6.46 4.42
C LEU A 7 -0.98 -7.23 3.75
N CYS A 8 -1.55 -6.63 2.71
CA CYS A 8 -2.63 -7.26 1.99
C CYS A 8 -2.03 -8.11 0.86
N ASN A 9 -0.77 -7.81 0.55
CA ASN A 9 -0.07 -8.53 -0.50
C ASN A 9 -0.28 -7.81 -1.83
N ARG A 10 -1.25 -6.90 -1.83
CA ARG A 10 -1.55 -6.14 -3.03
C ARG A 10 -0.29 -5.45 -3.56
N ALA A 11 -0.29 -5.17 -4.85
CA ALA A 11 0.83 -4.52 -5.49
C ALA A 11 0.32 -3.55 -6.55
N PHE A 12 0.90 -2.36 -6.54
CA PHE A 12 0.52 -1.33 -7.50
C PHE A 12 1.71 -0.90 -8.35
N THR A 13 1.40 -0.17 -9.42
CA THR A 13 2.43 0.31 -10.32
C THR A 13 3.16 1.49 -9.72
N ARG A 14 2.41 2.33 -9.02
CA ARG A 14 2.97 3.51 -8.38
C ARG A 14 3.05 3.31 -6.87
N ARG A 15 3.85 4.15 -6.24
CA ARG A 15 4.01 4.09 -4.79
C ARG A 15 2.80 4.72 -4.10
N ASP A 16 2.39 5.87 -4.61
CA ASP A 16 1.26 6.58 -4.05
C ASP A 16 0.11 5.60 -3.80
N LEU A 17 -0.10 4.74 -4.79
CA LEU A 17 -1.17 3.75 -4.69
C LEU A 17 -0.90 2.84 -3.50
N LEU A 18 0.38 2.60 -3.25
CA LEU A 18 0.78 1.75 -2.14
C LEU A 18 0.57 2.50 -0.83
N ILE A 19 0.92 3.77 -0.85
CA ILE A 19 0.78 4.61 0.33
C ILE A 19 -0.71 4.78 0.66
N ARG A 20 -1.40 5.50 -0.22
CA ARG A 20 -2.82 5.74 -0.03
C ARG A 20 -3.52 4.46 0.44
N HIS A 21 -3.07 3.34 -0.11
CA HIS A 21 -3.64 2.05 0.24
C HIS A 21 -3.49 1.82 1.75
N ALA A 22 -2.28 2.02 2.24
CA ALA A 22 -2.00 1.86 3.65
C ALA A 22 -2.86 2.81 4.46
N GLN A 23 -3.10 3.98 3.89
CA GLN A 23 -3.91 4.99 4.54
C GLN A 23 -5.39 4.80 4.20
N LYS A 24 -5.63 3.86 3.30
CA LYS A 24 -6.99 3.56 2.87
C LYS A 24 -7.45 2.26 3.53
N ILE A 25 -6.83 1.16 3.11
CA ILE A 25 -7.17 -0.14 3.65
C ILE A 25 -6.76 -0.20 5.13
N HIS A 26 -5.45 -0.17 5.34
CA HIS A 26 -4.91 -0.24 6.69
C HIS A 26 -4.91 1.18 7.30
N SER A 27 -5.75 2.03 6.73
CA SER A 27 -5.85 3.40 7.20
C SER A 27 -5.31 3.50 8.63
N GLY A 28 -4.02 3.75 8.72
CA GLY A 28 -3.38 3.87 10.02
C GLY A 28 -1.89 3.50 9.93
N ASN A 29 -1.06 4.45 10.33
CA ASN A 29 0.38 4.23 10.30
C ASN A 29 0.76 3.17 11.33
N LEU A 30 1.68 2.31 10.93
CA LEU A 30 2.14 1.24 11.81
C LEU A 30 2.46 1.82 13.18
ZN ZN B . -1.96 -3.68 2.14
N LYS A 1 10.70 -6.32 -3.99
CA LYS A 1 11.44 -5.53 -4.96
C LYS A 1 10.47 -4.91 -5.96
N ALA A 2 9.27 -4.63 -5.48
CA ALA A 2 8.24 -4.04 -6.32
C ALA A 2 7.08 -3.56 -5.44
N TYR A 3 6.66 -2.32 -5.68
CA TYR A 3 5.56 -1.75 -4.93
C TYR A 3 4.49 -2.80 -4.64
N ALA A 4 4.68 -3.50 -3.53
CA ALA A 4 3.74 -4.53 -3.13
C ALA A 4 3.49 -4.43 -1.62
N CYS A 5 2.23 -4.29 -1.26
CA CYS A 5 1.85 -4.17 0.13
C CYS A 5 2.08 -5.53 0.81
N GLY A 6 3.05 -5.55 1.70
CA GLY A 6 3.39 -6.78 2.42
C GLY A 6 2.32 -7.11 3.47
N LEU A 7 1.27 -6.28 3.49
CA LEU A 7 0.18 -6.48 4.42
C LEU A 7 -0.92 -7.28 3.74
N CYS A 8 -1.50 -6.68 2.71
CA CYS A 8 -2.56 -7.32 1.96
C CYS A 8 -1.94 -8.13 0.82
N ASN A 9 -0.69 -7.82 0.53
CA ASN A 9 0.03 -8.50 -0.52
C ASN A 9 -0.20 -7.76 -1.85
N ARG A 10 -1.23 -6.94 -1.85
CA ARG A 10 -1.57 -6.16 -3.04
C ARG A 10 -0.33 -5.43 -3.57
N ALA A 11 -0.36 -5.16 -4.86
CA ALA A 11 0.75 -4.47 -5.50
C ALA A 11 0.20 -3.48 -6.54
N PHE A 12 0.88 -2.34 -6.64
CA PHE A 12 0.47 -1.31 -7.57
C PHE A 12 1.64 -0.88 -8.46
N THR A 13 1.32 -0.05 -9.44
CA THR A 13 2.33 0.45 -10.35
C THR A 13 3.19 1.52 -9.67
N ARG A 14 2.50 2.45 -9.03
CA ARG A 14 3.18 3.54 -8.33
C ARG A 14 3.14 3.31 -6.82
N ARG A 15 3.98 4.06 -6.12
CA ARG A 15 4.04 3.95 -4.67
C ARG A 15 2.82 4.60 -4.02
N ASP A 16 2.46 5.76 -4.54
CA ASP A 16 1.32 6.50 -4.04
C ASP A 16 0.16 5.52 -3.79
N LEU A 17 -0.10 4.70 -4.81
CA LEU A 17 -1.17 3.72 -4.72
C LEU A 17 -0.92 2.80 -3.52
N LEU A 18 0.36 2.54 -3.28
CA LEU A 18 0.75 1.67 -2.17
C LEU A 18 0.54 2.42 -0.85
N ILE A 19 0.91 3.70 -0.87
CA ILE A 19 0.78 4.54 0.31
C ILE A 19 -0.70 4.72 0.63
N ARG A 20 -1.37 5.46 -0.24
CA ARG A 20 -2.80 5.72 -0.05
C ARG A 20 -3.51 4.45 0.42
N HIS A 21 -3.09 3.32 -0.15
CA HIS A 21 -3.67 2.04 0.21
C HIS A 21 -3.56 1.83 1.71
N ALA A 22 -2.34 1.99 2.22
CA ALA A 22 -2.08 1.82 3.63
C ALA A 22 -2.95 2.80 4.43
N GLN A 23 -3.12 3.99 3.86
CA GLN A 23 -3.91 5.02 4.51
C GLN A 23 -5.40 4.83 4.18
N LYS A 24 -5.65 3.90 3.26
CA LYS A 24 -7.02 3.62 2.85
C LYS A 24 -7.49 2.33 3.55
N ILE A 25 -6.87 1.23 3.18
CA ILE A 25 -7.21 -0.06 3.74
C ILE A 25 -6.77 -0.09 5.21
N HIS A 26 -5.47 -0.21 5.39
CA HIS A 26 -4.91 -0.26 6.74
C HIS A 26 -4.88 1.15 7.34
N SER A 27 -5.62 2.05 6.69
CA SER A 27 -5.69 3.43 7.14
C SER A 27 -5.02 3.55 8.51
N GLY A 28 -3.69 3.64 8.48
CA GLY A 28 -2.92 3.78 9.71
C GLY A 28 -3.29 5.07 10.44
N ASN A 29 -2.37 6.02 10.41
CA ASN A 29 -2.58 7.30 11.06
C ASN A 29 -4.01 7.76 10.80
N LEU A 30 -4.60 8.36 11.84
CA LEU A 30 -5.96 8.85 11.74
C LEU A 30 -6.06 10.21 12.44
ZN ZN B . -1.95 -3.71 2.14
N LYS A 1 11.91 -5.04 -4.40
CA LYS A 1 11.01 -4.44 -3.44
C LYS A 1 9.87 -3.75 -4.18
N ALA A 2 9.49 -4.34 -5.31
CA ALA A 2 8.41 -3.80 -6.12
C ALA A 2 7.25 -3.39 -5.21
N TYR A 3 6.62 -2.29 -5.57
CA TYR A 3 5.49 -1.79 -4.80
C TYR A 3 4.46 -2.89 -4.55
N ALA A 4 4.69 -3.63 -3.46
CA ALA A 4 3.79 -4.72 -3.10
C ALA A 4 3.52 -4.67 -1.60
N CYS A 5 2.33 -4.21 -1.26
CA CYS A 5 1.93 -4.11 0.15
C CYS A 5 2.11 -5.49 0.79
N GLY A 6 3.08 -5.55 1.70
CA GLY A 6 3.36 -6.80 2.40
C GLY A 6 2.26 -7.11 3.43
N LEU A 7 1.26 -6.25 3.45
CA LEU A 7 0.15 -6.43 4.37
C LEU A 7 -0.97 -7.20 3.66
N CYS A 8 -1.51 -6.59 2.62
CA CYS A 8 -2.59 -7.20 1.86
C CYS A 8 -1.96 -8.03 0.73
N ASN A 9 -0.69 -7.75 0.48
CA ASN A 9 0.02 -8.45 -0.58
C ASN A 9 -0.19 -7.74 -1.91
N ARG A 10 -1.13 -6.80 -1.89
CA ARG A 10 -1.45 -6.04 -3.09
C ARG A 10 -0.18 -5.39 -3.66
N ALA A 11 -0.17 -5.25 -4.98
CA ALA A 11 0.97 -4.65 -5.65
C ALA A 11 0.47 -3.65 -6.69
N PHE A 12 0.90 -2.40 -6.53
CA PHE A 12 0.50 -1.35 -7.44
C PHE A 12 1.67 -0.93 -8.34
N THR A 13 1.33 -0.23 -9.42
CA THR A 13 2.34 0.23 -10.36
C THR A 13 3.07 1.44 -9.79
N ARG A 14 2.35 2.22 -8.99
CA ARG A 14 2.90 3.40 -8.38
C ARG A 14 2.99 3.23 -6.86
N ARG A 15 3.80 4.09 -6.24
CA ARG A 15 3.99 4.04 -4.81
C ARG A 15 2.78 4.68 -4.10
N ASP A 16 2.36 5.82 -4.62
CA ASP A 16 1.22 6.53 -4.06
C ASP A 16 0.09 5.54 -3.77
N LEU A 17 -0.14 4.66 -4.74
CA LEU A 17 -1.18 3.66 -4.61
C LEU A 17 -0.88 2.77 -3.41
N LEU A 18 0.40 2.56 -3.17
CA LEU A 18 0.83 1.73 -2.05
C LEU A 18 0.62 2.50 -0.75
N ILE A 19 0.94 3.78 -0.79
CA ILE A 19 0.78 4.63 0.38
C ILE A 19 -0.71 4.79 0.70
N ARG A 20 -1.38 5.56 -0.15
CA ARG A 20 -2.80 5.80 0.02
C ARG A 20 -3.50 4.52 0.49
N HIS A 21 -3.13 3.41 -0.14
CA HIS A 21 -3.72 2.12 0.21
C HIS A 21 -3.59 1.89 1.71
N ALA A 22 -2.37 2.02 2.20
CA ALA A 22 -2.10 1.83 3.62
C ALA A 22 -2.91 2.84 4.42
N GLN A 23 -3.13 4.00 3.82
CA GLN A 23 -3.87 5.06 4.47
C GLN A 23 -5.37 4.89 4.19
N LYS A 24 -5.69 3.92 3.34
CA LYS A 24 -7.07 3.65 2.99
C LYS A 24 -7.50 2.34 3.65
N ILE A 25 -6.90 1.26 3.19
CA ILE A 25 -7.22 -0.06 3.72
C ILE A 25 -6.80 -0.13 5.18
N HIS A 26 -5.49 -0.21 5.39
CA HIS A 26 -4.94 -0.28 6.74
C HIS A 26 -4.96 1.11 7.37
N SER A 27 -5.55 2.05 6.65
CA SER A 27 -5.64 3.42 7.13
C SER A 27 -5.14 3.50 8.57
N GLY A 28 -3.83 3.57 8.71
CA GLY A 28 -3.22 3.65 10.03
C GLY A 28 -2.04 2.69 10.14
N ASN A 29 -2.28 1.58 10.84
CA ASN A 29 -1.24 0.59 11.03
C ASN A 29 -0.44 0.44 9.74
N LEU A 30 0.77 0.98 9.77
CA LEU A 30 1.65 0.91 8.61
C LEU A 30 3.08 0.66 9.09
ZN ZN B . -1.96 -3.64 2.11
N LYS A 1 12.19 -4.68 -4.31
CA LYS A 1 11.40 -3.89 -3.39
C LYS A 1 10.21 -3.28 -4.13
N ALA A 2 9.78 -3.99 -5.17
CA ALA A 2 8.66 -3.54 -5.98
C ALA A 2 7.52 -3.11 -5.06
N TYR A 3 6.68 -2.22 -5.57
CA TYR A 3 5.54 -1.74 -4.81
C TYR A 3 4.52 -2.84 -4.57
N ALA A 4 4.75 -3.60 -3.50
CA ALA A 4 3.87 -4.69 -3.14
C ALA A 4 3.60 -4.65 -1.63
N CYS A 5 2.37 -4.26 -1.29
CA CYS A 5 1.96 -4.17 0.09
C CYS A 5 2.12 -5.55 0.72
N GLY A 6 3.09 -5.65 1.63
CA GLY A 6 3.35 -6.91 2.30
C GLY A 6 2.26 -7.22 3.34
N LEU A 7 1.28 -6.32 3.40
CA LEU A 7 0.18 -6.48 4.32
C LEU A 7 -0.96 -7.23 3.64
N CYS A 8 -1.48 -6.62 2.58
CA CYS A 8 -2.57 -7.21 1.84
C CYS A 8 -1.97 -8.04 0.69
N ASN A 9 -0.68 -7.82 0.45
CA ASN A 9 0.01 -8.53 -0.60
C ASN A 9 -0.21 -7.83 -1.93
N ARG A 10 -1.12 -6.86 -1.91
CA ARG A 10 -1.42 -6.09 -3.10
C ARG A 10 -0.16 -5.44 -3.66
N ALA A 11 -0.15 -5.26 -4.98
CA ALA A 11 0.99 -4.65 -5.65
C ALA A 11 0.48 -3.66 -6.69
N PHE A 12 0.93 -2.42 -6.56
CA PHE A 12 0.54 -1.37 -7.48
C PHE A 12 1.72 -0.94 -8.37
N THR A 13 1.39 -0.27 -9.45
CA THR A 13 2.40 0.20 -10.38
C THR A 13 3.12 1.43 -9.81
N ARG A 14 2.38 2.18 -9.00
CA ARG A 14 2.92 3.38 -8.39
C ARG A 14 3.01 3.21 -6.87
N ARG A 15 3.81 4.06 -6.26
CA ARG A 15 3.99 4.02 -4.81
C ARG A 15 2.78 4.66 -4.10
N ASP A 16 2.36 5.78 -4.65
CA ASP A 16 1.23 6.51 -4.08
C ASP A 16 0.08 5.52 -3.81
N LEU A 17 -0.11 4.62 -4.76
CA LEU A 17 -1.16 3.62 -4.63
C LEU A 17 -0.88 2.74 -3.42
N LEU A 18 0.41 2.54 -3.16
CA LEU A 18 0.84 1.72 -2.04
C LEU A 18 0.63 2.49 -0.74
N ILE A 19 0.97 3.78 -0.80
CA ILE A 19 0.84 4.64 0.35
C ILE A 19 -0.65 4.80 0.70
N ARG A 20 -1.35 5.52 -0.17
CA ARG A 20 -2.77 5.75 0.03
C ARG A 20 -3.46 4.47 0.50
N HIS A 21 -3.20 3.39 -0.23
CA HIS A 21 -3.79 2.12 0.10
C HIS A 21 -3.73 1.90 1.61
N ALA A 22 -2.56 2.20 2.18
CA ALA A 22 -2.36 2.04 3.60
C ALA A 22 -3.30 2.98 4.35
N GLN A 23 -3.18 4.26 4.05
CA GLN A 23 -4.00 5.27 4.70
C GLN A 23 -5.48 5.04 4.34
N LYS A 24 -5.71 4.02 3.52
CA LYS A 24 -7.06 3.69 3.10
C LYS A 24 -7.49 2.39 3.77
N ILE A 25 -6.78 1.32 3.44
CA ILE A 25 -7.07 0.02 4.00
C ILE A 25 -6.56 -0.04 5.44
N HIS A 26 -5.25 -0.23 5.57
CA HIS A 26 -4.63 -0.31 6.87
C HIS A 26 -4.58 1.09 7.50
N SER A 27 -3.61 1.87 7.05
CA SER A 27 -3.45 3.22 7.56
C SER A 27 -2.11 3.80 7.07
N GLY A 28 -1.80 4.98 7.60
CA GLY A 28 -0.56 5.65 7.23
C GLY A 28 0.49 5.51 8.33
N ASN A 29 1.36 6.51 8.40
CA ASN A 29 2.42 6.51 9.40
C ASN A 29 2.19 7.67 10.38
N LEU A 30 2.31 7.36 11.66
CA LEU A 30 2.12 8.36 12.69
C LEU A 30 3.06 8.05 13.87
ZN ZN B . -1.92 -3.68 2.09
N LYS A 1 11.52 -5.73 -3.87
CA LYS A 1 11.67 -4.29 -3.97
C LYS A 1 10.72 -3.76 -5.05
N ALA A 2 9.46 -4.16 -4.93
CA ALA A 2 8.45 -3.73 -5.88
C ALA A 2 7.18 -3.35 -5.12
N TYR A 3 6.66 -2.17 -5.46
CA TYR A 3 5.45 -1.68 -4.83
C TYR A 3 4.45 -2.81 -4.60
N ALA A 4 4.57 -3.45 -3.45
CA ALA A 4 3.68 -4.54 -3.11
C ALA A 4 3.44 -4.55 -1.59
N CYS A 5 2.25 -4.07 -1.22
CA CYS A 5 1.89 -4.01 0.19
C CYS A 5 2.09 -5.40 0.79
N GLY A 6 3.07 -5.48 1.69
CA GLY A 6 3.37 -6.73 2.36
C GLY A 6 2.30 -7.09 3.39
N LEU A 7 1.29 -6.24 3.45
CA LEU A 7 0.19 -6.45 4.38
C LEU A 7 -0.92 -7.23 3.70
N CYS A 8 -1.49 -6.60 2.67
CA CYS A 8 -2.56 -7.23 1.92
C CYS A 8 -1.94 -8.02 0.76
N ASN A 9 -0.70 -7.71 0.48
CA ASN A 9 0.02 -8.38 -0.59
C ASN A 9 -0.21 -7.62 -1.90
N ARG A 10 -1.19 -6.73 -1.86
CA ARG A 10 -1.52 -5.94 -3.04
C ARG A 10 -0.26 -5.35 -3.66
N ALA A 11 -0.31 -5.17 -4.97
CA ALA A 11 0.83 -4.62 -5.69
C ALA A 11 0.33 -3.61 -6.72
N PHE A 12 0.83 -2.39 -6.62
CA PHE A 12 0.46 -1.33 -7.54
C PHE A 12 1.62 -0.93 -8.44
N THR A 13 1.27 -0.33 -9.57
CA THR A 13 2.28 0.10 -10.52
C THR A 13 2.97 1.38 -10.03
N ARG A 14 2.41 1.94 -8.97
CA ARG A 14 2.96 3.16 -8.40
C ARG A 14 3.17 2.99 -6.89
N ARG A 15 3.90 3.94 -6.32
CA ARG A 15 4.17 3.90 -4.90
C ARG A 15 3.08 4.65 -4.12
N ASP A 16 2.51 5.64 -4.79
CA ASP A 16 1.46 6.45 -4.20
C ASP A 16 0.29 5.54 -3.80
N LEU A 17 -0.05 4.64 -4.71
CA LEU A 17 -1.14 3.70 -4.47
C LEU A 17 -0.80 2.82 -3.26
N LEU A 18 0.49 2.57 -3.10
CA LEU A 18 0.96 1.75 -2.01
C LEU A 18 0.75 2.49 -0.69
N ILE A 19 0.97 3.80 -0.74
CA ILE A 19 0.81 4.64 0.43
C ILE A 19 -0.68 4.79 0.74
N ARG A 20 -1.35 5.60 -0.08
CA ARG A 20 -2.76 5.84 0.09
C ARG A 20 -3.47 4.56 0.53
N HIS A 21 -3.02 3.45 -0.03
CA HIS A 21 -3.60 2.16 0.28
C HIS A 21 -3.53 1.92 1.79
N ALA A 22 -2.36 2.18 2.35
CA ALA A 22 -2.14 2.00 3.77
C ALA A 22 -3.10 2.91 4.54
N GLN A 23 -3.31 4.09 3.99
CA GLN A 23 -4.19 5.07 4.61
C GLN A 23 -5.64 4.82 4.18
N LYS A 24 -5.82 3.76 3.39
CA LYS A 24 -7.14 3.41 2.91
C LYS A 24 -7.61 2.13 3.60
N ILE A 25 -6.98 1.03 3.23
CA ILE A 25 -7.33 -0.26 3.81
C ILE A 25 -6.87 -0.29 5.27
N HIS A 26 -5.56 -0.23 5.46
CA HIS A 26 -5.00 -0.25 6.79
C HIS A 26 -4.98 1.17 7.37
N SER A 27 -5.94 1.96 6.91
CA SER A 27 -6.05 3.33 7.38
C SER A 27 -5.87 3.39 8.89
N GLY A 28 -5.87 4.61 9.41
CA GLY A 28 -5.70 4.81 10.84
C GLY A 28 -4.28 5.29 11.17
N ASN A 29 -3.47 4.36 11.65
CA ASN A 29 -2.10 4.68 12.01
C ASN A 29 -1.15 3.84 11.15
N LEU A 30 -1.65 2.69 10.74
CA LEU A 30 -0.87 1.79 9.90
C LEU A 30 -0.80 2.34 8.48
ZN ZN B . -1.93 -3.62 2.15
N LYS A 1 10.81 -6.21 -4.11
CA LYS A 1 11.48 -5.07 -4.71
C LYS A 1 10.51 -4.36 -5.67
N ALA A 2 9.24 -4.63 -5.47
CA ALA A 2 8.21 -4.02 -6.29
C ALA A 2 7.06 -3.56 -5.41
N TYR A 3 6.62 -2.32 -5.66
CA TYR A 3 5.53 -1.75 -4.89
C TYR A 3 4.45 -2.80 -4.59
N ALA A 4 4.63 -3.49 -3.47
CA ALA A 4 3.69 -4.52 -3.07
C ALA A 4 3.45 -4.42 -1.56
N CYS A 5 2.20 -4.23 -1.21
CA CYS A 5 1.82 -4.12 0.19
C CYS A 5 2.04 -5.47 0.85
N GLY A 6 2.97 -5.49 1.79
CA GLY A 6 3.29 -6.71 2.51
C GLY A 6 2.21 -7.04 3.55
N LEU A 7 1.16 -6.23 3.52
CA LEU A 7 0.05 -6.42 4.45
C LEU A 7 -1.05 -7.22 3.77
N CYS A 8 -1.58 -6.65 2.70
CA CYS A 8 -2.64 -7.30 1.95
C CYS A 8 -2.00 -8.10 0.82
N ASN A 9 -0.75 -7.78 0.54
CA ASN A 9 -0.01 -8.46 -0.51
C ASN A 9 -0.21 -7.72 -1.84
N ARG A 10 -1.25 -6.90 -1.86
CA ARG A 10 -1.56 -6.12 -3.06
C ARG A 10 -0.30 -5.43 -3.58
N ALA A 11 -0.31 -5.16 -4.88
CA ALA A 11 0.82 -4.50 -5.51
C ALA A 11 0.30 -3.53 -6.58
N PHE A 12 0.89 -2.34 -6.60
CA PHE A 12 0.52 -1.33 -7.55
C PHE A 12 1.71 -0.91 -8.41
N THR A 13 1.40 -0.22 -9.50
CA THR A 13 2.42 0.24 -10.42
C THR A 13 3.13 1.48 -9.85
N ARG A 14 2.39 2.20 -9.00
CA ARG A 14 2.93 3.40 -8.39
C ARG A 14 3.03 3.22 -6.88
N ARG A 15 3.82 4.09 -6.26
CA ARG A 15 4.01 4.03 -4.81
C ARG A 15 2.82 4.68 -4.11
N ASP A 16 2.39 5.80 -4.65
CA ASP A 16 1.27 6.54 -4.08
C ASP A 16 0.11 5.57 -3.82
N LEU A 17 -0.13 4.70 -4.79
CA LEU A 17 -1.19 3.72 -4.67
C LEU A 17 -0.92 2.83 -3.47
N LEU A 18 0.36 2.58 -3.23
CA LEU A 18 0.77 1.74 -2.11
C LEU A 18 0.57 2.51 -0.80
N ILE A 19 0.91 3.79 -0.85
CA ILE A 19 0.77 4.65 0.31
C ILE A 19 -0.71 4.79 0.67
N ARG A 20 -1.40 5.56 -0.17
CA ARG A 20 -2.82 5.79 0.04
C ARG A 20 -3.52 4.51 0.48
N HIS A 21 -3.00 3.39 -0.01
CA HIS A 21 -3.55 2.09 0.31
C HIS A 21 -3.38 1.83 1.82
N ALA A 22 -2.16 2.02 2.29
CA ALA A 22 -1.85 1.81 3.69
C ALA A 22 -2.66 2.79 4.53
N GLN A 23 -2.99 3.92 3.93
CA GLN A 23 -3.78 4.94 4.61
C GLN A 23 -5.25 4.81 4.26
N LYS A 24 -5.55 3.78 3.47
CA LYS A 24 -6.92 3.53 3.05
C LYS A 24 -7.38 2.19 3.60
N ILE A 25 -6.85 1.13 3.00
CA ILE A 25 -7.20 -0.23 3.42
C ILE A 25 -6.87 -0.39 4.90
N HIS A 26 -5.61 -0.12 5.23
CA HIS A 26 -5.16 -0.24 6.61
C HIS A 26 -5.20 1.12 7.29
N SER A 27 -6.24 1.88 6.94
CA SER A 27 -6.41 3.21 7.51
C SER A 27 -7.59 3.92 6.84
N GLY A 28 -7.46 5.24 6.72
CA GLY A 28 -8.50 6.03 6.10
C GLY A 28 -9.26 6.85 7.15
N ASN A 29 -10.14 6.17 7.87
CA ASN A 29 -10.93 6.81 8.90
C ASN A 29 -10.01 7.31 10.01
N LEU A 30 -9.33 8.42 9.73
CA LEU A 30 -8.41 9.00 10.70
C LEU A 30 -9.03 8.91 12.09
ZN ZN B . -2.00 -3.66 2.14
#